data_8TND
#
_entry.id   8TND
#
_cell.length_a   90.750
_cell.length_b   90.750
_cell.length_c   202.353
_cell.angle_alpha   90.000
_cell.angle_beta   90.000
_cell.angle_gamma   120.000
#
_symmetry.space_group_name_H-M   'P 61 2 2'
#
loop_
_entity.id
_entity.type
_entity.pdbx_description
1 polymer 'De novo designed protein'
2 non-polymer (2R)-2-(7-carbamoyl-1H-benzimidazol-2-yl)-2-methylpyrrolidinium
3 non-polymer 'SULFATE ION'
4 water water
#
_entity_poly.entity_id   1
_entity_poly.type   'polypeptide(L)'
_entity_poly.pdbx_seq_one_letter_code
;SDAQEILSRLNSVLEAAWKTILNLASATDAAEKAYKEGREEDLATYLDQAASYQSQVDQYAVETVRLLAELKKVFPDEEA
DRALQIAEKLLKTVQEASKTLDTAVAAAANGDEETFAKAFNQFVSLGNQADTLFTQLQRTLTNLNKK
;
_entity_poly.pdbx_strand_id   A,B,C
#
loop_
_chem_comp.id
_chem_comp.type
_chem_comp.name
_chem_comp.formula
78P non-polymer (2R)-2-(7-carbamoyl-1H-benzimidazol-2-yl)-2-methylpyrrolidinium 'C13 H16 N4 O'
SO4 non-polymer 'SULFATE ION' 'O4 S -2'
#
# COMPACT_ATOMS: atom_id res chain seq x y z
N SER A 1 2.42 -29.85 1.21
CA SER A 1 3.43 -28.94 1.80
C SER A 1 3.11 -27.46 1.62
N ASP A 2 1.88 -27.11 1.24
CA ASP A 2 1.54 -25.71 1.01
C ASP A 2 0.05 -25.44 0.81
N ALA A 3 -0.66 -26.37 0.17
CA ALA A 3 -2.04 -26.08 -0.20
C ALA A 3 -2.94 -25.87 1.02
N GLN A 4 -2.69 -26.59 2.11
CA GLN A 4 -3.54 -26.43 3.28
C GLN A 4 -3.36 -25.04 3.89
N GLU A 5 -2.12 -24.53 3.90
CA GLU A 5 -1.88 -23.18 4.39
C GLU A 5 -2.50 -22.15 3.45
N ILE A 6 -2.39 -22.36 2.14
CA ILE A 6 -3.03 -21.44 1.21
C ILE A 6 -4.52 -21.36 1.48
N LEU A 7 -5.16 -22.52 1.65
CA LEU A 7 -6.61 -22.57 1.86
C LEU A 7 -7.00 -21.90 3.17
N SER A 8 -6.18 -22.08 4.20
CA SER A 8 -6.48 -21.45 5.49
C SER A 8 -6.31 -19.93 5.40
N ARG A 9 -5.25 -19.47 4.76
CA ARG A 9 -5.11 -18.04 4.49
C ARG A 9 -6.30 -17.50 3.71
N LEU A 10 -6.75 -18.21 2.68
CA LEU A 10 -7.90 -17.77 1.90
C LEU A 10 -9.11 -17.59 2.80
N ASN A 11 -9.38 -18.56 3.66
CA ASN A 11 -10.54 -18.44 4.54
C ASN A 11 -10.41 -17.21 5.44
N SER A 12 -9.21 -16.94 5.93
CA SER A 12 -8.99 -15.78 6.78
C SER A 12 -9.19 -14.49 6.00
N VAL A 13 -8.69 -14.44 4.76
CA VAL A 13 -8.84 -13.24 3.94
C VAL A 13 -10.31 -12.99 3.67
N LEU A 14 -11.05 -14.02 3.30
CA LEU A 14 -12.46 -13.82 2.97
C LEU A 14 -13.27 -13.45 4.21
N GLU A 15 -12.90 -13.96 5.38
CA GLU A 15 -13.61 -13.55 6.59
C GLU A 15 -13.34 -12.08 6.88
N ALA A 16 -12.10 -11.64 6.74
CA ALA A 16 -11.79 -10.23 6.95
C ALA A 16 -12.45 -9.36 5.89
N ALA A 17 -12.45 -9.80 4.65
CA ALA A 17 -13.07 -9.04 3.57
C ALA A 17 -14.56 -8.87 3.81
N TRP A 18 -15.23 -9.89 4.33
CA TRP A 18 -16.66 -9.76 4.55
C TRP A 18 -16.94 -8.71 5.62
N LYS A 19 -16.14 -8.66 6.68
CA LYS A 19 -16.34 -7.59 7.67
C LYS A 19 -16.13 -6.22 7.05
N THR A 20 -15.11 -6.07 6.20
CA THR A 20 -14.89 -4.81 5.52
C THR A 20 -16.07 -4.45 4.61
N ILE A 21 -16.64 -5.44 3.92
CA ILE A 21 -17.83 -5.24 3.10
C ILE A 21 -19.00 -4.75 3.95
N LEU A 22 -19.19 -5.33 5.13
CA LEU A 22 -20.24 -4.83 6.01
C LEU A 22 -19.99 -3.40 6.41
N ASN A 23 -18.76 -3.06 6.71
CA ASN A 23 -18.45 -1.67 7.09
C ASN A 23 -18.69 -0.75 5.90
N LEU A 24 -18.31 -1.18 4.71
CA LEU A 24 -18.58 -0.41 3.52
C LEU A 24 -20.07 -0.18 3.33
N ALA A 25 -20.89 -1.19 3.57
CA ALA A 25 -22.33 -1.04 3.42
C ALA A 25 -22.87 -0.02 4.40
N SER A 26 -22.39 -0.03 5.63
CA SER A 26 -22.85 0.95 6.59
C SER A 26 -22.46 2.37 6.18
N ALA A 27 -21.25 2.56 5.68
CA ALA A 27 -20.81 3.86 5.23
C ALA A 27 -21.61 4.31 4.03
N THR A 28 -21.92 3.39 3.13
CA THR A 28 -22.70 3.69 1.93
C THR A 28 -24.11 4.11 2.31
N ASP A 29 -24.74 3.39 3.24
CA ASP A 29 -26.08 3.74 3.68
C ASP A 29 -26.07 5.12 4.33
N ALA A 30 -25.04 5.42 5.12
CA ALA A 30 -24.98 6.69 5.80
C ALA A 30 -24.73 7.82 4.81
N ALA A 31 -23.93 7.57 3.78
CA ALA A 31 -23.72 8.56 2.73
C ALA A 31 -25.02 8.84 1.99
N GLU A 32 -25.78 7.80 1.65
CA GLU A 32 -27.05 8.01 0.96
C GLU A 32 -27.99 8.88 1.79
N LYS A 33 -28.04 8.65 3.10
CA LYS A 33 -28.91 9.41 3.96
C LYS A 33 -28.43 10.85 4.03
N ALA A 34 -27.13 11.07 4.17
CA ALA A 34 -26.61 12.43 4.25
C ALA A 34 -26.87 13.18 2.95
N TYR A 35 -26.74 12.51 1.82
CA TYR A 35 -27.05 13.11 0.53
C TYR A 35 -28.51 13.53 0.46
N LYS A 36 -29.41 12.62 0.82
CA LYS A 36 -30.84 12.94 0.75
C LYS A 36 -31.19 14.09 1.67
N GLU A 37 -30.57 14.17 2.84
CA GLU A 37 -30.86 15.22 3.81
C GLU A 37 -30.10 16.51 3.53
N GLY A 38 -29.22 16.53 2.52
CA GLY A 38 -28.51 17.72 2.16
C GLY A 38 -27.37 18.09 3.09
N ARG A 39 -26.87 17.15 3.89
CA ARG A 39 -25.81 17.45 4.85
C ARG A 39 -24.46 17.15 4.18
N GLU A 40 -23.91 18.14 3.50
CA GLU A 40 -22.74 17.93 2.65
C GLU A 40 -21.49 17.59 3.45
N GLU A 41 -21.30 18.16 4.62
CA GLU A 41 -20.11 17.85 5.39
C GLU A 41 -20.18 16.43 5.93
N ASP A 42 -21.35 16.00 6.36
CA ASP A 42 -21.52 14.62 6.77
C ASP A 42 -21.25 13.70 5.60
N LEU A 43 -21.81 14.02 4.44
CA LEU A 43 -21.60 13.21 3.26
C LEU A 43 -20.11 13.05 2.98
N ALA A 44 -19.34 14.13 3.09
CA ALA A 44 -17.91 14.04 2.81
C ALA A 44 -17.25 13.04 3.74
N THR A 45 -17.61 13.04 5.00
CA THR A 45 -17.02 12.11 5.96
C THR A 45 -17.37 10.68 5.59
N TYR A 46 -18.62 10.44 5.26
CA TYR A 46 -19.02 9.09 4.96
C TYR A 46 -18.44 8.61 3.64
N LEU A 47 -18.28 9.50 2.66
CA LEU A 47 -17.63 9.11 1.42
C LEU A 47 -16.16 8.79 1.65
N ASP A 48 -15.50 9.52 2.52
CA ASP A 48 -14.10 9.20 2.77
C ASP A 48 -13.97 7.86 3.46
N GLN A 49 -14.86 7.57 4.39
CA GLN A 49 -14.86 6.25 5.01
C GLN A 49 -15.14 5.17 3.98
N ALA A 50 -16.14 5.36 3.13
CA ALA A 50 -16.43 4.38 2.10
C ALA A 50 -15.22 4.15 1.19
N ALA A 51 -14.52 5.21 0.82
CA ALA A 51 -13.35 5.06 -0.05
C ALA A 51 -12.26 4.24 0.65
N SER A 52 -12.08 4.46 1.94
CA SER A 52 -11.07 3.71 2.68
C SER A 52 -11.44 2.23 2.71
N TYR A 53 -12.68 1.91 3.05
CA TYR A 53 -13.09 0.52 3.08
C TYR A 53 -13.03 -0.10 1.69
N GLN A 54 -13.44 0.62 0.68
CA GLN A 54 -13.34 0.10 -0.67
C GLN A 54 -11.90 -0.23 -1.04
N SER A 55 -10.95 0.62 -0.66
CA SER A 55 -9.54 0.33 -0.97
C SER A 55 -9.11 -0.96 -0.27
N GLN A 56 -9.61 -1.20 0.94
CA GLN A 56 -9.30 -2.44 1.64
C GLN A 56 -9.93 -3.64 0.96
N VAL A 57 -11.18 -3.54 0.51
CA VAL A 57 -11.79 -4.63 -0.25
C VAL A 57 -10.97 -4.91 -1.48
N ASP A 58 -10.51 -3.89 -2.18
CA ASP A 58 -9.70 -4.05 -3.37
C ASP A 58 -8.45 -4.86 -3.06
N GLN A 59 -7.79 -4.53 -1.95
CA GLN A 59 -6.58 -5.24 -1.53
C GLN A 59 -6.90 -6.70 -1.20
N TYR A 60 -7.97 -6.96 -0.46
CA TYR A 60 -8.32 -8.34 -0.15
C TYR A 60 -8.66 -9.12 -1.40
N ALA A 61 -9.31 -8.50 -2.37
CA ALA A 61 -9.65 -9.18 -3.61
C ALA A 61 -8.41 -9.53 -4.42
N VAL A 62 -7.40 -8.67 -4.40
CA VAL A 62 -6.12 -8.95 -5.03
C VAL A 62 -5.46 -10.13 -4.33
N GLU A 63 -5.44 -10.13 -3.01
CA GLU A 63 -4.82 -11.19 -2.23
C GLU A 63 -5.51 -12.51 -2.50
N THR A 64 -6.82 -12.48 -2.67
CA THR A 64 -7.61 -13.68 -2.95
C THR A 64 -7.20 -14.27 -4.30
N VAL A 65 -7.07 -13.43 -5.32
CA VAL A 65 -6.60 -13.90 -6.62
C VAL A 65 -5.21 -14.50 -6.49
N ARG A 66 -4.31 -13.82 -5.79
CA ARG A 66 -2.95 -14.33 -5.72
C ARG A 66 -2.92 -15.68 -5.02
N LEU A 67 -3.71 -15.87 -3.96
CA LEU A 67 -3.73 -17.14 -3.24
C LEU A 67 -4.30 -18.24 -4.11
N LEU A 68 -5.36 -17.97 -4.84
CA LEU A 68 -5.94 -19.00 -5.69
C LEU A 68 -5.07 -19.27 -6.90
N ALA A 69 -4.34 -18.27 -7.37
CA ALA A 69 -3.39 -18.52 -8.45
C ALA A 69 -2.29 -19.44 -7.96
N GLU A 70 -1.81 -19.24 -6.73
CA GLU A 70 -0.82 -20.15 -6.18
C GLU A 70 -1.39 -21.54 -6.04
N LEU A 71 -2.62 -21.65 -5.54
CA LEU A 71 -3.22 -22.98 -5.38
C LEU A 71 -3.31 -23.71 -6.71
N LYS A 72 -3.65 -23.00 -7.78
CA LYS A 72 -3.76 -23.59 -9.10
C LYS A 72 -2.41 -24.05 -9.64
N LYS A 73 -1.34 -23.41 -9.23
CA LYS A 73 -0.01 -23.87 -9.62
C LYS A 73 0.31 -25.19 -8.93
N VAL A 74 -0.07 -25.34 -7.66
CA VAL A 74 0.23 -26.54 -6.90
C VAL A 74 -0.67 -27.70 -7.30
N PHE A 75 -1.94 -27.42 -7.54
CA PHE A 75 -2.95 -28.44 -7.89
C PHE A 75 -3.69 -27.99 -9.14
N PRO A 76 -3.09 -28.21 -10.30
CA PRO A 76 -3.67 -27.74 -11.57
C PRO A 76 -4.84 -28.56 -12.09
N ASP A 77 -5.99 -28.39 -11.46
CA ASP A 77 -7.21 -29.10 -11.82
C ASP A 77 -8.34 -28.12 -12.12
N GLU A 78 -9.50 -28.68 -12.48
CA GLU A 78 -10.64 -27.88 -12.88
C GLU A 78 -11.23 -27.12 -11.69
N GLU A 79 -11.21 -27.73 -10.50
CA GLU A 79 -11.72 -27.03 -9.33
C GLU A 79 -10.93 -25.75 -9.10
N ALA A 80 -9.60 -25.86 -9.12
CA ALA A 80 -8.74 -24.70 -8.88
C ALA A 80 -8.91 -23.66 -9.96
N ASP A 81 -9.01 -24.07 -11.22
CA ASP A 81 -9.15 -23.10 -12.29
C ASP A 81 -10.47 -22.36 -12.19
N ARG A 82 -11.53 -23.09 -11.83
CA ARG A 82 -12.84 -22.46 -11.68
C ARG A 82 -12.82 -21.45 -10.56
N ALA A 83 -12.26 -21.83 -9.41
CA ALA A 83 -12.20 -20.90 -8.29
C ALA A 83 -11.42 -19.64 -8.67
N LEU A 84 -10.29 -19.80 -9.34
CA LEU A 84 -9.49 -18.63 -9.75
C LEU A 84 -10.27 -17.75 -10.70
N GLN A 85 -11.02 -18.35 -11.63
CA GLN A 85 -11.77 -17.52 -12.57
C GLN A 85 -12.83 -16.69 -11.85
N ILE A 86 -13.49 -17.26 -10.84
CA ILE A 86 -14.48 -16.50 -10.09
C ILE A 86 -13.80 -15.37 -9.34
N ALA A 87 -12.66 -15.66 -8.71
CA ALA A 87 -11.95 -14.63 -7.96
C ALA A 87 -11.46 -13.52 -8.88
N GLU A 88 -11.03 -13.85 -10.09
CA GLU A 88 -10.63 -12.82 -11.04
C GLU A 88 -11.80 -11.95 -11.46
N LYS A 89 -12.98 -12.53 -11.64
CA LYS A 89 -14.16 -11.73 -11.97
C LYS A 89 -14.60 -10.88 -10.79
N LEU A 90 -14.48 -11.42 -9.58
CA LEU A 90 -14.73 -10.63 -8.39
C LEU A 90 -13.81 -9.43 -8.33
N LEU A 91 -12.51 -9.63 -8.56
CA LEU A 91 -11.56 -8.53 -8.50
C LEU A 91 -11.88 -7.49 -9.57
N LYS A 92 -12.21 -7.93 -10.77
CA LYS A 92 -12.61 -6.99 -11.82
C LYS A 92 -13.78 -6.13 -11.39
N THR A 93 -14.78 -6.74 -10.76
CA THR A 93 -15.99 -6.04 -10.37
C THR A 93 -15.69 -5.09 -9.23
N VAL A 94 -14.93 -5.55 -8.26
CA VAL A 94 -14.51 -4.70 -7.15
C VAL A 94 -13.75 -3.47 -7.66
N GLN A 95 -12.84 -3.66 -8.60
CA GLN A 95 -12.09 -2.51 -9.11
C GLN A 95 -12.98 -1.59 -9.93
N GLU A 96 -14.02 -2.11 -10.59
CA GLU A 96 -14.96 -1.22 -11.27
C GLU A 96 -15.75 -0.43 -10.25
N ALA A 97 -16.14 -1.07 -9.15
CA ALA A 97 -16.79 -0.35 -8.06
C ALA A 97 -15.87 0.74 -7.50
N SER A 98 -14.59 0.44 -7.36
CA SER A 98 -13.65 1.40 -6.80
C SER A 98 -13.52 2.63 -7.70
N LYS A 99 -13.43 2.44 -9.01
CA LYS A 99 -13.28 3.56 -9.93
C LYS A 99 -14.55 4.41 -9.92
N THR A 100 -15.68 3.75 -9.81
CA THR A 100 -16.97 4.45 -9.83
C THR A 100 -17.14 5.24 -8.54
N LEU A 101 -16.77 4.68 -7.40
CA LEU A 101 -16.80 5.44 -6.17
C LEU A 101 -15.87 6.64 -6.27
N ASP A 102 -14.69 6.48 -6.88
CA ASP A 102 -13.81 7.62 -7.09
C ASP A 102 -14.51 8.74 -7.83
N THR A 103 -15.18 8.41 -8.93
CA THR A 103 -15.95 9.42 -9.67
C THR A 103 -16.96 10.11 -8.77
N ALA A 104 -17.65 9.35 -7.93
CA ALA A 104 -18.66 9.92 -7.05
C ALA A 104 -18.03 10.85 -6.03
N VAL A 105 -16.92 10.43 -5.41
CA VAL A 105 -16.24 11.26 -4.42
C VAL A 105 -15.75 12.56 -5.04
N ALA A 106 -15.18 12.48 -6.23
CA ALA A 106 -14.71 13.69 -6.88
C ALA A 106 -15.88 14.60 -7.22
N ALA A 107 -16.97 14.03 -7.69
CA ALA A 107 -18.13 14.85 -8.03
C ALA A 107 -18.67 15.57 -6.80
N ALA A 108 -18.76 14.87 -5.67
CA ALA A 108 -19.22 15.50 -4.45
C ALA A 108 -18.28 16.63 -4.04
N ALA A 109 -16.97 16.41 -4.17
CA ALA A 109 -16.01 17.44 -3.80
C ALA A 109 -16.10 18.64 -4.74
N ASN A 110 -16.37 18.40 -6.04
CA ASN A 110 -16.50 19.39 -7.10
C ASN A 110 -17.88 20.07 -7.09
N GLY A 111 -18.79 19.64 -6.23
CA GLY A 111 -20.15 20.15 -6.22
C GLY A 111 -20.98 19.84 -7.46
N ASP A 112 -20.78 18.68 -8.07
CA ASP A 112 -21.46 18.26 -9.29
C ASP A 112 -22.42 17.10 -8.95
N GLU A 113 -23.65 17.44 -8.55
CA GLU A 113 -24.56 16.42 -8.01
C GLU A 113 -25.03 15.43 -9.08
N GLU A 114 -25.22 15.88 -10.31
CA GLU A 114 -25.69 14.96 -11.34
C GLU A 114 -24.67 13.83 -11.54
N THR A 115 -23.38 14.17 -11.62
CA THR A 115 -22.38 13.12 -11.75
C THR A 115 -22.31 12.29 -10.48
N PHE A 116 -22.42 12.91 -9.31
CA PHE A 116 -22.35 12.19 -8.05
C PHE A 116 -23.45 11.15 -7.96
N ALA A 117 -24.69 11.54 -8.25
CA ALA A 117 -25.79 10.60 -8.06
C ALA A 117 -25.69 9.43 -9.03
N LYS A 118 -25.36 9.70 -10.28
CA LYS A 118 -25.22 8.66 -11.28
C LYS A 118 -24.13 7.68 -10.88
N ALA A 119 -22.96 8.21 -10.50
CA ALA A 119 -21.84 7.36 -10.12
C ALA A 119 -22.13 6.59 -8.84
N PHE A 120 -22.74 7.25 -7.86
CA PHE A 120 -23.02 6.57 -6.60
C PHE A 120 -23.97 5.40 -6.82
N ASN A 121 -24.99 5.58 -7.66
CA ASN A 121 -25.91 4.49 -7.95
C ASN A 121 -25.24 3.38 -8.75
N GLN A 122 -24.34 3.74 -9.67
CA GLN A 122 -23.56 2.71 -10.35
C GLN A 122 -22.70 1.93 -9.35
N PHE A 123 -22.08 2.63 -8.41
CA PHE A 123 -21.27 2.00 -7.38
C PHE A 123 -22.10 1.00 -6.57
N VAL A 124 -23.31 1.38 -6.19
CA VAL A 124 -24.16 0.45 -5.45
C VAL A 124 -24.44 -0.79 -6.29
N SER A 125 -24.76 -0.61 -7.57
CA SER A 125 -25.07 -1.77 -8.42
C SER A 125 -23.87 -2.70 -8.55
N LEU A 126 -22.69 -2.12 -8.75
CA LEU A 126 -21.48 -2.94 -8.87
C LEU A 126 -21.18 -3.67 -7.58
N GLY A 127 -21.44 -3.03 -6.44
CA GLY A 127 -21.28 -3.70 -5.16
C GLY A 127 -22.18 -4.93 -5.04
N ASN A 128 -23.42 -4.82 -5.50
CA ASN A 128 -24.31 -5.98 -5.44
C ASN A 128 -23.83 -7.07 -6.37
N GLN A 129 -23.31 -6.71 -7.55
CA GLN A 129 -22.69 -7.70 -8.42
C GLN A 129 -21.52 -8.39 -7.75
N ALA A 130 -20.68 -7.62 -7.05
CA ALA A 130 -19.54 -8.21 -6.35
C ALA A 130 -19.99 -9.15 -5.26
N ASP A 131 -21.06 -8.79 -4.53
CA ASP A 131 -21.59 -9.67 -3.50
C ASP A 131 -21.99 -11.03 -4.07
N THR A 132 -22.61 -11.04 -5.25
CA THR A 132 -22.97 -12.31 -5.87
C THR A 132 -21.74 -13.17 -6.14
N LEU A 133 -20.69 -12.57 -6.69
CA LEU A 133 -19.46 -13.30 -6.97
C LEU A 133 -18.77 -13.75 -5.69
N PHE A 134 -18.83 -12.94 -4.64
CA PHE A 134 -18.22 -13.30 -3.37
C PHE A 134 -18.87 -14.56 -2.81
N THR A 135 -20.21 -14.62 -2.82
CA THR A 135 -20.88 -15.81 -2.32
C THR A 135 -20.62 -17.02 -3.21
N GLN A 136 -20.56 -16.81 -4.53
CA GLN A 136 -20.21 -17.90 -5.43
C GLN A 136 -18.83 -18.43 -5.09
N LEU A 137 -17.89 -17.54 -4.79
CA LEU A 137 -16.53 -17.99 -4.48
C LEU A 137 -16.53 -18.81 -3.20
N GLN A 138 -17.27 -18.36 -2.18
CA GLN A 138 -17.37 -19.11 -0.93
C GLN A 138 -17.89 -20.53 -1.17
N ARG A 139 -18.88 -20.68 -2.05
CA ARG A 139 -19.43 -22.01 -2.29
C ARG A 139 -18.41 -22.89 -2.98
N THR A 140 -17.63 -22.33 -3.90
CA THR A 140 -16.60 -23.11 -4.58
C THR A 140 -15.52 -23.54 -3.61
N LEU A 141 -15.13 -22.66 -2.69
CA LEU A 141 -14.08 -22.98 -1.73
C LEU A 141 -14.51 -24.07 -0.76
N THR A 142 -15.81 -24.11 -0.44
CA THR A 142 -16.32 -25.23 0.35
C THR A 142 -16.00 -26.55 -0.32
N ASN A 143 -16.21 -26.62 -1.64
CA ASN A 143 -15.89 -27.84 -2.39
C ASN A 143 -14.39 -28.08 -2.43
N LEU A 144 -13.57 -27.03 -2.36
CA LEU A 144 -12.12 -27.21 -2.40
C LEU A 144 -11.55 -27.64 -1.06
N ASN A 145 -12.08 -27.12 0.05
CA ASN A 145 -11.57 -27.47 1.37
C ASN A 145 -12.02 -28.85 1.82
N LYS A 146 -13.17 -29.31 1.33
CA LYS A 146 -13.71 -30.62 1.67
C LYS A 146 -13.73 -30.83 3.18
N LYS A 147 -14.27 -29.83 3.87
CA LYS A 147 -14.40 -29.80 5.33
C LYS A 147 -13.07 -29.54 6.01
N SER B 1 -8.83 35.58 9.58
CA SER B 1 -9.96 35.33 8.65
C SER B 1 -10.07 33.84 8.35
N ASP B 2 -11.27 33.38 8.01
CA ASP B 2 -11.41 31.99 7.59
C ASP B 2 -10.59 31.70 6.35
N ALA B 3 -10.41 32.71 5.47
CA ALA B 3 -9.69 32.49 4.22
C ALA B 3 -8.27 32.02 4.48
N GLN B 4 -7.58 32.63 5.45
CA GLN B 4 -6.21 32.22 5.72
C GLN B 4 -6.13 31.03 6.68
N GLU B 5 -7.18 30.72 7.43
CA GLU B 5 -7.26 29.42 8.08
C GLU B 5 -7.35 28.30 7.04
N ILE B 6 -8.12 28.52 5.98
CA ILE B 6 -8.26 27.53 4.93
C ILE B 6 -6.95 27.38 4.16
N LEU B 7 -6.31 28.49 3.79
CA LEU B 7 -5.03 28.41 3.10
C LEU B 7 -3.97 27.72 3.96
N SER B 8 -4.03 27.92 5.27
CA SER B 8 -3.12 27.23 6.18
C SER B 8 -3.35 25.72 6.14
N ARG B 9 -4.60 25.29 6.29
CA ARG B 9 -4.92 23.87 6.17
C ARG B 9 -4.46 23.30 4.83
N LEU B 10 -4.65 24.07 3.75
CA LEU B 10 -4.24 23.61 2.43
C LEU B 10 -2.75 23.38 2.39
N ASN B 11 -1.95 24.27 2.97
CA ASN B 11 -0.51 24.06 2.96
C ASN B 11 -0.12 22.80 3.73
N SER B 12 -0.83 22.49 4.81
CA SER B 12 -0.54 21.27 5.57
C SER B 12 -0.91 20.02 4.78
N VAL B 13 -2.05 20.06 4.09
CA VAL B 13 -2.46 18.93 3.26
C VAL B 13 -1.44 18.68 2.17
N LEU B 14 -0.99 19.74 1.49
CA LEU B 14 -0.06 19.56 0.38
C LEU B 14 1.30 19.11 0.85
N GLU B 15 1.75 19.56 2.03
CA GLU B 15 3.01 19.06 2.55
C GLU B 15 2.91 17.56 2.84
N ALA B 16 1.79 17.13 3.41
CA ALA B 16 1.61 15.72 3.67
C ALA B 16 1.51 14.93 2.37
N ALA B 17 0.79 15.46 1.39
CA ALA B 17 0.70 14.82 0.10
C ALA B 17 2.07 14.66 -0.54
N TRP B 18 2.94 15.66 -0.42
CA TRP B 18 4.26 15.55 -1.04
C TRP B 18 5.05 14.40 -0.44
N LYS B 19 4.98 14.23 0.88
CA LYS B 19 5.66 13.11 1.52
C LYS B 19 5.13 11.79 0.99
N THR B 20 3.81 11.69 0.83
CA THR B 20 3.23 10.48 0.30
C THR B 20 3.68 10.25 -1.12
N ILE B 21 3.79 11.31 -1.92
CA ILE B 21 4.25 11.19 -3.30
C ILE B 21 5.69 10.68 -3.33
N LEU B 22 6.53 11.12 -2.40
CA LEU B 22 7.89 10.59 -2.36
C LEU B 22 7.85 9.10 -2.05
N ASN B 23 6.95 8.66 -1.18
CA ASN B 23 6.86 7.23 -0.89
C ASN B 23 6.32 6.45 -2.08
N LEU B 24 5.36 7.03 -2.79
CA LEU B 24 4.85 6.40 -4.00
C LEU B 24 5.94 6.27 -5.04
N ALA B 25 6.81 7.28 -5.16
CA ALA B 25 7.93 7.22 -6.11
C ALA B 25 8.89 6.08 -5.75
N SER B 26 9.20 5.93 -4.47
CA SER B 26 10.07 4.86 -4.03
C SER B 26 9.46 3.52 -4.37
N ALA B 27 8.17 3.34 -4.06
CA ALA B 27 7.54 2.05 -4.31
C ALA B 27 7.44 1.76 -5.80
N THR B 28 7.18 2.80 -6.60
CA THR B 28 7.09 2.64 -8.05
C THR B 28 8.43 2.22 -8.62
N ASP B 29 9.51 2.87 -8.19
CA ASP B 29 10.83 2.49 -8.65
C ASP B 29 11.16 1.06 -8.25
N ALA B 30 10.82 0.67 -7.02
CA ALA B 30 11.10 -0.68 -6.56
C ALA B 30 10.29 -1.72 -7.35
N ALA B 31 9.05 -1.39 -7.69
CA ALA B 31 8.25 -2.29 -8.51
C ALA B 31 8.88 -2.46 -9.88
N GLU B 32 9.32 -1.36 -10.47
CA GLU B 32 9.97 -1.46 -11.78
C GLU B 32 11.19 -2.37 -11.72
N LYS B 33 12.00 -2.24 -10.67
CA LYS B 33 13.19 -3.08 -10.53
C LYS B 33 12.83 -4.55 -10.35
N ALA B 34 11.83 -4.85 -9.51
CA ALA B 34 11.42 -6.22 -9.31
C ALA B 34 10.85 -6.81 -10.60
N TYR B 35 10.12 -6.01 -11.35
CA TYR B 35 9.59 -6.44 -12.63
C TYR B 35 10.72 -6.77 -13.59
N LYS B 36 11.69 -5.88 -13.73
CA LYS B 36 12.82 -6.15 -14.61
C LYS B 36 13.52 -7.45 -14.21
N GLU B 37 13.68 -7.70 -12.91
CA GLU B 37 14.45 -8.83 -12.41
C GLU B 37 13.65 -10.11 -12.31
N GLY B 38 12.37 -10.11 -12.68
CA GLY B 38 11.54 -11.30 -12.62
C GLY B 38 11.24 -11.78 -11.23
N ARG B 39 11.26 -10.88 -10.26
CA ARG B 39 11.01 -11.20 -8.85
C ARG B 39 9.51 -11.00 -8.60
N GLU B 40 8.71 -12.01 -8.96
CA GLU B 40 7.26 -11.84 -9.02
C GLU B 40 6.66 -11.57 -7.64
N GLU B 41 7.13 -12.27 -6.63
CA GLU B 41 6.56 -12.10 -5.32
C GLU B 41 6.94 -10.74 -4.76
N ASP B 42 8.18 -10.29 -5.00
CA ASP B 42 8.58 -8.98 -4.52
C ASP B 42 7.77 -7.89 -5.24
N LEU B 43 7.56 -8.06 -6.54
CA LEU B 43 6.77 -7.11 -7.31
C LEU B 43 5.37 -6.98 -6.71
N ALA B 44 4.74 -8.09 -6.33
CA ALA B 44 3.42 -8.01 -5.72
C ALA B 44 3.45 -7.14 -4.48
N THR B 45 4.47 -7.26 -3.65
CA THR B 45 4.52 -6.48 -2.43
C THR B 45 4.68 -5.01 -2.76
N TYR B 46 5.55 -4.67 -3.71
CA TYR B 46 5.76 -3.28 -4.06
C TYR B 46 4.53 -2.68 -4.73
N LEU B 47 3.82 -3.47 -5.51
CA LEU B 47 2.57 -2.98 -6.11
C LEU B 47 1.53 -2.70 -5.04
N ASP B 48 1.45 -3.53 -4.02
CA ASP B 48 0.49 -3.25 -2.95
C ASP B 48 0.88 -2.01 -2.19
N GLN B 49 2.17 -1.81 -1.96
CA GLN B 49 2.62 -0.59 -1.32
C GLN B 49 2.29 0.63 -2.17
N ALA B 50 2.55 0.55 -3.46
CA ALA B 50 2.22 1.66 -4.36
C ALA B 50 0.74 1.95 -4.31
N ALA B 51 -0.11 0.91 -4.31
CA ALA B 51 -1.55 1.13 -4.30
C ALA B 51 -1.99 1.79 -3.00
N SER B 52 -1.36 1.44 -1.89
CA SER B 52 -1.68 2.06 -0.62
C SER B 52 -1.33 3.54 -0.65
N TYR B 53 -0.12 3.89 -1.11
CA TYR B 53 0.25 5.30 -1.18
C TYR B 53 -0.60 6.04 -2.18
N GLN B 54 -0.93 5.42 -3.30
CA GLN B 54 -1.78 6.08 -4.28
C GLN B 54 -3.16 6.37 -3.69
N SER B 55 -3.70 5.46 -2.89
CA SER B 55 -4.98 5.73 -2.25
C SER B 55 -4.88 6.93 -1.31
N GLN B 56 -3.75 7.08 -0.64
CA GLN B 56 -3.56 8.21 0.24
C GLN B 56 -3.43 9.50 -0.55
N VAL B 57 -2.71 9.50 -1.69
CA VAL B 57 -2.68 10.67 -2.56
C VAL B 57 -4.07 11.04 -3.02
N ASP B 58 -4.86 10.05 -3.43
CA ASP B 58 -6.24 10.31 -3.85
C ASP B 58 -6.99 11.05 -2.74
N GLN B 59 -6.86 10.59 -1.49
CA GLN B 59 -7.57 11.21 -0.38
C GLN B 59 -7.12 12.63 -0.17
N TYR B 60 -5.81 12.87 -0.23
CA TYR B 60 -5.32 14.23 -0.08
C TYR B 60 -5.80 15.12 -1.22
N ALA B 61 -5.86 14.60 -2.43
CA ALA B 61 -6.34 15.37 -3.56
C ALA B 61 -7.81 15.74 -3.42
N VAL B 62 -8.62 14.83 -2.88
CA VAL B 62 -10.02 15.14 -2.57
C VAL B 62 -10.09 16.23 -1.51
N GLU B 63 -9.30 16.12 -0.44
CA GLU B 63 -9.31 17.12 0.61
C GLU B 63 -8.89 18.49 0.06
N THR B 64 -7.95 18.53 -0.86
CA THR B 64 -7.48 19.76 -1.46
C THR B 64 -8.60 20.44 -2.24
N VAL B 65 -9.33 19.68 -3.05
CA VAL B 65 -10.50 20.23 -3.75
C VAL B 65 -11.51 20.75 -2.75
N ARG B 66 -11.80 19.99 -1.69
CA ARG B 66 -12.82 20.42 -0.76
C ARG B 66 -12.42 21.71 -0.09
N LEU B 67 -11.14 21.85 0.27
CA LEU B 67 -10.67 23.07 0.91
C LEU B 67 -10.73 24.27 -0.04
N LEU B 68 -10.38 24.07 -1.31
CA LEU B 68 -10.44 25.18 -2.25
C LEU B 68 -11.87 25.53 -2.61
N ALA B 69 -12.78 24.56 -2.61
CA ALA B 69 -14.19 24.88 -2.76
C ALA B 69 -14.67 25.71 -1.59
N GLU B 70 -14.20 25.41 -0.39
CA GLU B 70 -14.56 26.21 0.78
C GLU B 70 -13.98 27.61 0.66
N LEU B 71 -12.71 27.72 0.25
CA LEU B 71 -12.08 29.03 0.07
C LEU B 71 -12.86 29.89 -0.92
N LYS B 72 -13.29 29.30 -2.03
CA LYS B 72 -14.06 30.02 -3.03
C LYS B 72 -15.38 30.53 -2.47
N LYS B 73 -16.00 29.78 -1.55
CA LYS B 73 -17.26 30.23 -0.96
C LYS B 73 -17.04 31.44 -0.05
N VAL B 74 -15.88 31.55 0.58
CA VAL B 74 -15.63 32.73 1.42
C VAL B 74 -15.16 33.92 0.59
N PHE B 75 -14.68 33.69 -0.64
CA PHE B 75 -14.26 34.80 -1.50
C PHE B 75 -15.46 35.42 -2.20
N PRO B 76 -15.52 36.76 -2.31
CA PRO B 76 -16.64 37.40 -3.03
C PRO B 76 -16.48 37.38 -4.54
N ASP B 77 -15.34 36.91 -5.03
CA ASP B 77 -14.97 37.05 -6.44
C ASP B 77 -14.37 35.72 -6.90
N GLU B 78 -13.62 35.76 -8.00
CA GLU B 78 -13.06 34.56 -8.61
C GLU B 78 -11.55 34.42 -8.37
N GLU B 79 -11.07 34.96 -7.25
CA GLU B 79 -9.63 34.89 -6.98
C GLU B 79 -9.17 33.44 -6.83
N ALA B 80 -10.00 32.59 -6.22
CA ALA B 80 -9.64 31.20 -5.96
C ALA B 80 -10.12 30.26 -7.06
N ASP B 81 -10.83 30.76 -8.07
CA ASP B 81 -11.37 29.87 -9.09
C ASP B 81 -10.27 29.15 -9.85
N ARG B 82 -9.17 29.84 -10.15
CA ARG B 82 -8.07 29.22 -10.89
C ARG B 82 -7.43 28.10 -10.07
N ALA B 83 -7.16 28.36 -8.79
CA ALA B 83 -6.60 27.32 -7.93
C ALA B 83 -7.54 26.13 -7.85
N LEU B 84 -8.83 26.36 -7.67
CA LEU B 84 -9.77 25.25 -7.63
C LEU B 84 -9.75 24.47 -8.93
N GLN B 85 -9.69 25.16 -10.06
CA GLN B 85 -9.68 24.47 -11.34
C GLN B 85 -8.45 23.59 -11.48
N ILE B 86 -7.28 24.09 -11.05
CA ILE B 86 -6.07 23.28 -11.07
C ILE B 86 -6.25 22.06 -10.17
N ALA B 87 -6.76 22.29 -8.96
CA ALA B 87 -6.93 21.20 -8.01
C ALA B 87 -7.89 20.16 -8.53
N GLU B 88 -8.94 20.57 -9.23
CA GLU B 88 -9.88 19.62 -9.78
C GLU B 88 -9.23 18.80 -10.89
N LYS B 89 -8.38 19.42 -11.71
CA LYS B 89 -7.68 18.68 -12.75
C LYS B 89 -6.64 17.75 -12.14
N LEU B 90 -5.97 18.20 -11.07
CA LEU B 90 -5.08 17.33 -10.32
C LEU B 90 -5.82 16.10 -9.83
N LEU B 91 -6.99 16.30 -9.21
CA LEU B 91 -7.75 15.17 -8.69
C LEU B 91 -8.16 14.22 -9.80
N LYS B 92 -8.60 14.75 -10.95
CA LYS B 92 -8.97 13.89 -12.07
C LYS B 92 -7.78 13.05 -12.52
N THR B 93 -6.60 13.64 -12.57
CA THR B 93 -5.42 12.95 -13.03
C THR B 93 -4.98 11.90 -12.01
N VAL B 94 -4.99 12.25 -10.73
CA VAL B 94 -4.67 11.33 -9.66
C VAL B 94 -5.62 10.13 -9.67
N GLN B 95 -6.92 10.36 -9.85
CA GLN B 95 -7.84 9.24 -9.89
C GLN B 95 -7.64 8.39 -11.14
N GLU B 96 -7.24 8.99 -12.27
CA GLU B 96 -6.89 8.18 -13.44
C GLU B 96 -5.66 7.32 -13.14
N ALA B 97 -4.66 7.89 -12.45
CA ALA B 97 -3.50 7.12 -12.05
C ALA B 97 -3.90 5.96 -11.16
N SER B 98 -4.84 6.21 -10.24
CA SER B 98 -5.30 5.17 -9.34
C SER B 98 -5.97 4.03 -10.10
N LYS B 99 -6.84 4.36 -11.04
CA LYS B 99 -7.55 3.35 -11.82
C LYS B 99 -6.57 2.51 -12.64
N THR B 100 -5.58 3.17 -13.24
CA THR B 100 -4.64 2.45 -14.09
C THR B 100 -3.71 1.61 -13.26
N LEU B 101 -3.28 2.10 -12.09
CA LEU B 101 -2.51 1.24 -11.19
C LEU B 101 -3.33 0.03 -10.78
N ASP B 102 -4.62 0.19 -10.53
CA ASP B 102 -5.44 -0.96 -10.17
C ASP B 102 -5.46 -1.98 -11.29
N THR B 103 -5.61 -1.54 -12.53
CA THR B 103 -5.53 -2.43 -13.68
C THR B 103 -4.20 -3.17 -13.70
N ALA B 104 -3.11 -2.48 -13.42
CA ALA B 104 -1.80 -3.12 -13.39
C ALA B 104 -1.71 -4.15 -12.27
N VAL B 105 -2.16 -3.82 -11.07
CA VAL B 105 -2.13 -4.78 -9.97
C VAL B 105 -2.94 -6.02 -10.30
N ALA B 106 -4.11 -5.85 -10.89
CA ALA B 106 -4.90 -7.02 -11.24
C ALA B 106 -4.21 -7.82 -12.32
N ALA B 107 -3.63 -7.16 -13.32
CA ALA B 107 -2.96 -7.89 -14.40
C ALA B 107 -1.77 -8.68 -13.88
N ALA B 108 -0.99 -8.10 -12.97
CA ALA B 108 0.12 -8.83 -12.36
C ALA B 108 -0.38 -10.04 -11.61
N ALA B 109 -1.50 -9.91 -10.88
CA ALA B 109 -2.08 -11.01 -10.12
C ALA B 109 -2.62 -12.10 -11.05
N ASN B 110 -3.15 -11.70 -12.20
CA ASN B 110 -3.70 -12.61 -13.20
C ASN B 110 -2.63 -13.22 -14.08
N GLY B 111 -1.38 -12.78 -13.94
CA GLY B 111 -0.31 -13.23 -14.81
C GLY B 111 -0.48 -12.83 -16.26
N ASP B 112 -0.94 -11.60 -16.51
CA ASP B 112 -1.09 -11.05 -17.86
C ASP B 112 -0.11 -9.89 -18.04
N GLU B 113 1.08 -10.19 -18.53
CA GLU B 113 2.15 -9.21 -18.54
C GLU B 113 1.91 -8.08 -19.55
N GLU B 114 1.27 -8.39 -20.67
CA GLU B 114 1.06 -7.34 -21.67
C GLU B 114 0.11 -6.26 -21.12
N THR B 115 -0.96 -6.69 -20.46
CA THR B 115 -1.86 -5.73 -19.83
C THR B 115 -1.17 -5.01 -18.68
N PHE B 116 -0.40 -5.75 -17.86
CA PHE B 116 0.34 -5.11 -16.78
C PHE B 116 1.21 -3.98 -17.28
N ALA B 117 2.03 -4.23 -18.30
CA ALA B 117 2.98 -3.24 -18.75
C ALA B 117 2.28 -2.02 -19.30
N LYS B 118 1.20 -2.25 -20.07
CA LYS B 118 0.47 -1.13 -20.65
C LYS B 118 -0.08 -0.24 -19.55
N ALA B 119 -0.73 -0.86 -18.55
CA ALA B 119 -1.32 -0.08 -17.47
C ALA B 119 -0.26 0.57 -16.60
N PHE B 120 0.81 -0.15 -16.27
CA PHE B 120 1.85 0.42 -15.43
C PHE B 120 2.51 1.63 -16.09
N ASN B 121 2.75 1.54 -17.40
CA ASN B 121 3.35 2.67 -18.12
C ASN B 121 2.39 3.85 -18.18
N GLN B 122 1.08 3.59 -18.34
CA GLN B 122 0.13 4.68 -18.24
C GLN B 122 0.15 5.31 -16.85
N PHE B 123 0.21 4.49 -15.81
CA PHE B 123 0.26 5.02 -14.44
C PHE B 123 1.46 5.94 -14.27
N VAL B 124 2.62 5.54 -14.80
CA VAL B 124 3.80 6.39 -14.69
C VAL B 124 3.58 7.72 -15.41
N SER B 125 3.00 7.68 -16.61
CA SER B 125 2.81 8.92 -17.35
C SER B 125 1.80 9.84 -16.66
N LEU B 126 0.71 9.28 -16.15
CA LEU B 126 -0.25 10.06 -15.40
C LEU B 126 0.38 10.67 -14.17
N GLY B 127 1.27 9.94 -13.51
CA GLY B 127 1.96 10.49 -12.36
C GLY B 127 2.80 11.71 -12.72
N ASN B 128 3.47 11.68 -13.87
CA ASN B 128 4.21 12.85 -14.31
C ASN B 128 3.29 14.02 -14.58
N GLN B 129 2.14 13.77 -15.22
CA GLN B 129 1.15 14.82 -15.42
C GLN B 129 0.65 15.38 -14.09
N ALA B 130 0.40 14.50 -13.12
CA ALA B 130 -0.04 14.94 -11.80
C ALA B 130 1.02 15.79 -11.13
N ASP B 131 2.29 15.44 -11.29
CA ASP B 131 3.38 16.22 -10.69
C ASP B 131 3.38 17.65 -11.23
N THR B 132 3.19 17.80 -12.53
CA THR B 132 3.10 19.13 -13.13
C THR B 132 1.97 19.94 -12.52
N LEU B 133 0.78 19.34 -12.38
CA LEU B 133 -0.34 20.04 -11.78
C LEU B 133 -0.10 20.35 -10.30
N PHE B 134 0.53 19.42 -9.57
CA PHE B 134 0.82 19.65 -8.17
C PHE B 134 1.72 20.87 -7.97
N THR B 135 2.79 20.97 -8.75
CA THR B 135 3.67 22.13 -8.61
C THR B 135 2.99 23.42 -9.07
N GLN B 136 2.15 23.33 -10.11
CA GLN B 136 1.38 24.50 -10.51
C GLN B 136 0.45 24.94 -9.39
N LEU B 137 -0.17 23.98 -8.70
CA LEU B 137 -1.07 24.36 -7.63
C LEU B 137 -0.30 25.04 -6.51
N GLN B 138 0.86 24.51 -6.14
CA GLN B 138 1.66 25.14 -5.10
C GLN B 138 2.00 26.58 -5.46
N ARG B 139 2.37 26.82 -6.73
CA ARG B 139 2.73 28.19 -7.11
C ARG B 139 1.53 29.10 -7.00
N THR B 140 0.36 28.62 -7.43
CA THR B 140 -0.85 29.43 -7.40
C THR B 140 -1.23 29.78 -5.98
N LEU B 141 -1.08 28.82 -5.06
CA LEU B 141 -1.43 29.06 -3.67
C LEU B 141 -0.47 30.04 -3.01
N THR B 142 0.82 29.97 -3.36
CA THR B 142 1.77 30.93 -2.80
C THR B 142 1.32 32.35 -3.09
N ASN B 143 0.70 32.57 -4.24
CA ASN B 143 0.25 33.91 -4.61
C ASN B 143 -1.02 34.32 -3.87
N LEU B 144 -1.72 33.35 -3.27
CA LEU B 144 -2.88 33.66 -2.44
C LEU B 144 -2.53 33.89 -0.98
N ASN B 145 -1.38 33.37 -0.51
CA ASN B 145 -1.02 33.42 0.90
C ASN B 145 -0.38 34.74 1.32
N LYS B 146 0.03 35.58 0.36
CA LYS B 146 0.72 36.84 0.62
C LYS B 146 1.84 36.72 1.65
N LYS B 147 1.49 36.46 2.90
CA LYS B 147 2.50 36.29 3.96
C LYS B 147 1.87 35.77 5.24
N SER C 1 2.05 -21.47 22.80
CA SER C 1 2.29 -22.30 24.00
C SER C 1 2.48 -23.76 23.63
N ASP C 2 1.90 -24.17 22.51
CA ASP C 2 2.18 -25.45 21.88
C ASP C 2 3.20 -25.23 20.77
N ALA C 3 3.95 -26.28 20.45
CA ALA C 3 4.99 -26.17 19.43
C ALA C 3 4.44 -25.64 18.13
N GLN C 4 3.26 -26.12 17.71
CA GLN C 4 2.75 -25.75 16.40
C GLN C 4 2.27 -24.30 16.36
N GLU C 5 1.71 -23.79 17.46
CA GLU C 5 1.33 -22.39 17.49
C GLU C 5 2.56 -21.48 17.47
N ILE C 6 3.63 -21.88 18.14
CA ILE C 6 4.84 -21.06 18.11
C ILE C 6 5.42 -21.01 16.70
N LEU C 7 5.45 -22.15 16.02
CA LEU C 7 5.90 -22.18 14.64
C LEU C 7 5.01 -21.32 13.76
N SER C 8 3.71 -21.36 13.98
CA SER C 8 2.81 -20.53 13.18
C SER C 8 3.12 -19.05 13.39
N ARG C 9 3.40 -18.66 14.64
CA ARG C 9 3.78 -17.29 14.92
C ARG C 9 5.10 -16.94 14.24
N LEU C 10 6.07 -17.86 14.28
CA LEU C 10 7.35 -17.59 13.63
C LEU C 10 7.18 -17.41 12.13
N ASN C 11 6.35 -18.25 11.52
CA ASN C 11 6.13 -18.12 10.08
C ASN C 11 5.54 -16.76 9.75
N SER C 12 4.60 -16.29 10.56
CA SER C 12 3.97 -15.00 10.34
C SER C 12 4.97 -13.87 10.53
N VAL C 13 5.80 -13.96 11.57
CA VAL C 13 6.78 -12.92 11.83
C VAL C 13 7.76 -12.82 10.67
N LEU C 14 8.24 -13.95 10.16
CA LEU C 14 9.23 -13.88 9.10
C LEU C 14 8.60 -13.41 7.79
N GLU C 15 7.34 -13.74 7.56
CA GLU C 15 6.64 -13.21 6.38
C GLU C 15 6.55 -11.69 6.46
N ALA C 16 6.14 -11.17 7.63
CA ALA C 16 6.01 -9.73 7.81
C ALA C 16 7.36 -9.07 7.72
N ALA C 17 8.38 -9.69 8.31
CA ALA C 17 9.73 -9.13 8.26
C ALA C 17 10.24 -9.03 6.84
N TRP C 18 9.95 -10.00 5.98
CA TRP C 18 10.44 -9.91 4.62
C TRP C 18 9.77 -8.74 3.88
N LYS C 19 8.49 -8.49 4.12
CA LYS C 19 7.86 -7.34 3.51
C LYS C 19 8.52 -6.05 4.01
N THR C 20 8.82 -5.98 5.31
CA THR C 20 9.50 -4.81 5.84
C THR C 20 10.89 -4.65 5.24
N ILE C 21 11.61 -5.75 5.05
CA ILE C 21 12.92 -5.70 4.40
C ILE C 21 12.79 -5.17 2.98
N LEU C 22 11.76 -5.61 2.26
CA LEU C 22 11.51 -5.05 0.92
C LEU C 22 11.31 -3.54 1.00
N ASN C 23 10.54 -3.05 1.98
CA ASN C 23 10.35 -1.62 2.14
C ASN C 23 11.64 -0.92 2.48
N LEU C 24 12.45 -1.51 3.34
CA LEU C 24 13.77 -0.96 3.64
C LEU C 24 14.61 -0.86 2.39
N ALA C 25 14.59 -1.89 1.55
CA ALA C 25 15.36 -1.85 0.30
C ALA C 25 14.87 -0.74 -0.62
N SER C 26 13.55 -0.53 -0.71
CA SER C 26 13.05 0.51 -1.59
C SER C 26 13.45 1.90 -1.07
N ALA C 27 13.35 2.11 0.25
CA ALA C 27 13.72 3.39 0.85
C ALA C 27 15.20 3.66 0.68
N THR C 28 16.02 2.62 0.83
CA THR C 28 17.47 2.71 0.67
C THR C 28 17.82 3.05 -0.77
N ASP C 29 17.15 2.41 -1.73
CA ASP C 29 17.39 2.73 -3.14
C ASP C 29 17.02 4.17 -3.43
N ALA C 30 15.92 4.65 -2.86
CA ALA C 30 15.44 6.00 -3.09
C ALA C 30 16.39 7.00 -2.45
N ALA C 31 16.92 6.68 -1.27
CA ALA C 31 17.91 7.55 -0.66
C ALA C 31 19.17 7.62 -1.50
N GLU C 32 19.63 6.48 -2.03
CA GLU C 32 20.82 6.47 -2.89
C GLU C 32 20.60 7.36 -4.11
N LYS C 33 19.41 7.30 -4.71
CA LYS C 33 19.12 8.10 -5.88
C LYS C 33 19.12 9.58 -5.54
N ALA C 34 18.51 9.94 -4.41
CA ALA C 34 18.45 11.34 -4.03
C ALA C 34 19.84 11.87 -3.69
N TYR C 35 20.65 11.05 -3.05
CA TYR C 35 22.04 11.40 -2.76
C TYR C 35 22.82 11.65 -4.04
N LYS C 36 22.69 10.76 -5.01
CA LYS C 36 23.41 10.92 -6.28
C LYS C 36 22.93 12.13 -7.06
N GLU C 37 21.64 12.46 -6.97
CA GLU C 37 21.07 13.58 -7.71
C GLU C 37 21.12 14.88 -6.93
N GLY C 38 21.65 14.88 -5.72
CA GLY C 38 21.80 16.09 -4.96
C GLY C 38 20.50 16.74 -4.51
N ARG C 39 19.50 15.93 -4.18
CA ARG C 39 18.22 16.41 -3.66
C ARG C 39 18.21 16.15 -2.16
N GLU C 40 18.71 17.09 -1.37
CA GLU C 40 18.96 16.84 0.04
C GLU C 40 17.68 16.70 0.85
N GLU C 41 16.60 17.38 0.49
CA GLU C 41 15.35 17.21 1.23
C GLU C 41 14.75 15.84 0.95
N ASP C 42 14.77 15.40 -0.31
CA ASP C 42 14.32 14.05 -0.61
C ASP C 42 15.17 13.05 0.16
N LEU C 43 16.47 13.25 0.16
CA LEU C 43 17.36 12.34 0.86
C LEU C 43 16.99 12.25 2.34
N ALA C 44 16.77 13.38 2.98
CA ALA C 44 16.41 13.39 4.38
C ALA C 44 15.14 12.58 4.63
N THR C 45 14.13 12.74 3.77
CA THR C 45 12.88 12.01 3.93
C THR C 45 13.12 10.51 3.77
N TYR C 46 13.86 10.12 2.75
CA TYR C 46 14.06 8.70 2.52
C TYR C 46 14.94 8.08 3.60
N LEU C 47 15.89 8.81 4.17
CA LEU C 47 16.66 8.28 5.29
C LEU C 47 15.75 8.06 6.49
N ASP C 48 14.82 8.96 6.74
CA ASP C 48 13.88 8.80 7.85
C ASP C 48 13.00 7.59 7.62
N GLN C 49 12.55 7.39 6.38
CA GLN C 49 11.75 6.23 6.05
C GLN C 49 12.55 4.95 6.23
N ALA C 50 13.77 4.91 5.73
CA ALA C 50 14.64 3.75 5.89
C ALA C 50 14.83 3.45 7.37
N ALA C 51 15.08 4.45 8.20
CA ALA C 51 15.28 4.21 9.62
C ALA C 51 14.02 3.63 10.24
N SER C 52 12.85 4.03 9.79
CA SER C 52 11.63 3.49 10.36
C SER C 52 11.52 2.02 10.03
N TYR C 53 11.77 1.64 8.78
CA TYR C 53 11.69 0.24 8.42
C TYR C 53 12.79 -0.55 9.10
N GLN C 54 14.00 0.01 9.22
CA GLN C 54 15.07 -0.68 9.90
C GLN C 54 14.69 -0.96 11.36
N SER C 55 14.04 -0.03 12.00
CA SER C 55 13.64 -0.26 13.39
C SER C 55 12.57 -1.34 13.48
N GLN C 56 11.71 -1.46 12.48
CA GLN C 56 10.73 -2.53 12.44
C GLN C 56 11.40 -3.86 12.19
N VAL C 57 12.39 -3.93 11.31
CA VAL C 57 13.15 -5.17 11.14
C VAL C 57 13.79 -5.57 12.46
N ASP C 58 14.35 -4.61 13.18
CA ASP C 58 15.00 -4.89 14.45
C ASP C 58 14.00 -5.54 15.40
N GLN C 59 12.79 -5.03 15.44
CA GLN C 59 11.78 -5.58 16.34
C GLN C 59 11.33 -6.97 15.90
N TYR C 60 11.19 -7.22 14.60
CA TYR C 60 10.90 -8.59 14.17
C TYR C 60 12.03 -9.53 14.53
N ALA C 61 13.27 -9.08 14.46
CA ALA C 61 14.40 -9.91 14.86
C ALA C 61 14.34 -10.23 16.35
N VAL C 62 14.01 -9.26 17.19
CA VAL C 62 13.81 -9.49 18.62
C VAL C 62 12.75 -10.56 18.82
N GLU C 63 11.62 -10.42 18.16
CA GLU C 63 10.50 -11.34 18.35
C GLU C 63 10.87 -12.73 17.89
N THR C 64 11.68 -12.84 16.84
CA THR C 64 12.10 -14.13 16.32
C THR C 64 12.99 -14.85 17.33
N VAL C 65 13.92 -14.14 17.92
CA VAL C 65 14.75 -14.72 18.98
C VAL C 65 13.88 -15.22 20.13
N ARG C 66 12.97 -14.39 20.61
CA ARG C 66 12.11 -14.78 21.72
C ARG C 66 11.34 -16.04 21.38
N LEU C 67 10.74 -16.08 20.20
CA LEU C 67 9.90 -17.20 19.80
C LEU C 67 10.70 -18.48 19.65
N LEU C 68 11.88 -18.42 19.07
CA LEU C 68 12.70 -19.62 18.94
C LEU C 68 13.12 -20.16 20.29
N ALA C 69 13.45 -19.30 21.24
CA ALA C 69 13.78 -19.76 22.58
C ALA C 69 12.59 -20.46 23.22
N GLU C 70 11.38 -19.95 22.97
CA GLU C 70 10.17 -20.58 23.49
C GLU C 70 9.99 -21.93 22.86
N LEU C 71 10.22 -22.03 21.55
CA LEU C 71 10.09 -23.31 20.86
C LEU C 71 11.07 -24.33 21.39
N LYS C 72 12.29 -23.92 21.72
CA LYS C 72 13.27 -24.88 22.22
C LYS C 72 12.81 -25.49 23.55
N LYS C 73 12.03 -24.75 24.34
CA LYS C 73 11.60 -25.27 25.63
C LYS C 73 10.54 -26.34 25.49
N VAL C 74 9.59 -26.14 24.58
CA VAL C 74 8.45 -27.05 24.42
C VAL C 74 8.65 -28.08 23.33
N PHE C 75 9.62 -27.88 22.42
CA PHE C 75 9.89 -28.82 21.34
C PHE C 75 11.39 -28.78 21.05
N PRO C 76 12.20 -29.35 21.93
CA PRO C 76 13.64 -29.40 21.68
C PRO C 76 13.92 -30.03 20.33
N ASP C 77 14.98 -29.54 19.68
CA ASP C 77 15.27 -29.86 18.30
C ASP C 77 16.56 -29.16 17.91
N GLU C 78 17.59 -29.92 17.50
CA GLU C 78 18.84 -29.32 17.09
C GLU C 78 18.63 -28.22 16.05
N GLU C 79 17.54 -28.32 15.28
CA GLU C 79 17.27 -27.35 14.24
C GLU C 79 16.73 -26.04 14.80
N ALA C 80 15.84 -26.11 15.80
CA ALA C 80 15.47 -24.90 16.51
C ALA C 80 16.68 -24.24 17.15
N ASP C 81 17.60 -25.04 17.67
CA ASP C 81 18.84 -24.50 18.20
C ASP C 81 19.64 -23.79 17.12
N ARG C 82 19.72 -24.39 15.93
CA ARG C 82 20.43 -23.77 14.81
C ARG C 82 19.76 -22.45 14.44
N ALA C 83 18.44 -22.46 14.34
CA ALA C 83 17.69 -21.24 13.99
C ALA C 83 17.95 -20.14 15.00
N LEU C 84 17.92 -20.46 16.29
CA LEU C 84 18.14 -19.45 17.32
C LEU C 84 19.51 -18.82 17.18
N GLN C 85 20.55 -19.60 16.90
CA GLN C 85 21.87 -19.02 16.72
C GLN C 85 21.89 -18.09 15.51
N ILE C 86 21.24 -18.49 14.42
CA ILE C 86 21.21 -17.61 13.24
C ILE C 86 20.46 -16.33 13.58
N ALA C 87 19.31 -16.48 14.23
CA ALA C 87 18.47 -15.33 14.56
C ALA C 87 19.20 -14.37 15.49
N GLU C 88 20.01 -14.88 16.42
CA GLU C 88 20.76 -14.02 17.31
C GLU C 88 21.85 -13.27 16.55
N LYS C 89 22.49 -13.92 15.58
CA LYS C 89 23.48 -13.24 14.76
C LYS C 89 22.81 -12.20 13.89
N LEU C 90 21.63 -12.52 13.36
CA LEU C 90 20.84 -11.54 12.63
C LEU C 90 20.52 -10.32 13.50
N LEU C 91 20.05 -10.55 14.73
CA LEU C 91 19.71 -9.43 15.61
C LEU C 91 20.91 -8.52 15.82
N LYS C 92 22.09 -9.08 16.10
CA LYS C 92 23.29 -8.28 16.24
C LYS C 92 23.56 -7.47 14.97
N THR C 93 23.42 -8.10 13.81
CA THR C 93 23.75 -7.45 12.54
C THR C 93 22.76 -6.32 12.24
N VAL C 94 21.47 -6.54 12.43
CA VAL C 94 20.50 -5.48 12.13
C VAL C 94 20.65 -4.32 13.09
N GLN C 95 21.03 -4.57 14.34
CA GLN C 95 21.29 -3.47 15.25
C GLN C 95 22.49 -2.67 14.78
N GLU C 96 23.54 -3.36 14.30
CA GLU C 96 24.69 -2.65 13.74
C GLU C 96 24.30 -1.83 12.51
N ALA C 97 23.40 -2.36 11.68
CA ALA C 97 22.92 -1.57 10.55
C ALA C 97 22.17 -0.35 11.02
N SER C 98 21.36 -0.48 12.07
CA SER C 98 20.64 0.66 12.62
C SER C 98 21.61 1.73 13.09
N LYS C 99 22.66 1.32 13.80
CA LYS C 99 23.67 2.27 14.26
C LYS C 99 24.28 3.03 13.09
N THR C 100 24.70 2.32 12.05
CA THR C 100 25.33 3.00 10.92
C THR C 100 24.33 3.88 10.19
N LEU C 101 23.08 3.46 10.09
CA LEU C 101 22.06 4.33 9.50
C LEU C 101 21.87 5.59 10.33
N ASP C 102 21.87 5.46 11.65
CA ASP C 102 21.82 6.61 12.53
C ASP C 102 22.96 7.57 12.26
N THR C 103 24.16 7.03 12.07
CA THR C 103 25.32 7.87 11.76
C THR C 103 25.11 8.59 10.44
N ALA C 104 24.57 7.89 9.44
CA ALA C 104 24.22 8.54 8.18
C ALA C 104 23.18 9.64 8.37
N VAL C 105 22.14 9.39 9.16
CA VAL C 105 21.12 10.42 9.41
C VAL C 105 21.76 11.66 10.01
N ALA C 106 22.60 11.48 11.03
CA ALA C 106 23.24 12.61 11.67
C ALA C 106 24.19 13.32 10.72
N ALA C 107 24.89 12.57 9.87
CA ALA C 107 25.82 13.18 8.92
C ALA C 107 25.07 13.96 7.86
N ALA C 108 23.94 13.44 7.35
CA ALA C 108 23.12 14.24 6.45
C ALA C 108 22.62 15.49 7.15
N ALA C 109 22.18 15.38 8.40
CA ALA C 109 21.70 16.53 9.15
C ALA C 109 22.78 17.58 9.30
N ASN C 110 24.01 17.15 9.54
CA ASN C 110 25.14 18.04 9.74
C ASN C 110 25.73 18.52 8.42
N GLY C 111 25.27 17.97 7.30
CA GLY C 111 25.85 18.23 5.99
C GLY C 111 27.32 17.87 5.94
N ASP C 112 27.64 16.63 6.32
CA ASP C 112 29.01 16.14 6.41
C ASP C 112 29.10 14.95 5.48
N GLU C 113 29.44 15.23 4.22
CA GLU C 113 29.42 14.20 3.18
C GLU C 113 30.44 13.10 3.43
N GLU C 114 31.60 13.44 4.00
CA GLU C 114 32.62 12.42 4.22
C GLU C 114 32.12 11.39 5.22
N THR C 115 31.56 11.84 6.34
CA THR C 115 30.99 10.90 7.30
C THR C 115 29.79 10.17 6.72
N PHE C 116 28.94 10.88 5.98
CA PHE C 116 27.77 10.26 5.39
C PHE C 116 28.15 9.10 4.48
N ALA C 117 29.08 9.34 3.56
CA ALA C 117 29.45 8.31 2.59
C ALA C 117 29.96 7.07 3.29
N LYS C 118 30.79 7.24 4.32
CA LYS C 118 31.31 6.06 4.99
C LYS C 118 30.20 5.30 5.68
N ALA C 119 29.32 6.01 6.38
CA ALA C 119 28.25 5.35 7.11
C ALA C 119 27.27 4.68 6.16
N PHE C 120 26.91 5.34 5.07
CA PHE C 120 25.94 4.75 4.17
C PHE C 120 26.51 3.51 3.51
N ASN C 121 27.80 3.53 3.15
CA ASN C 121 28.42 2.35 2.57
C ASN C 121 28.46 1.20 3.57
N GLN C 122 28.73 1.51 4.83
CA GLN C 122 28.72 0.46 5.85
C GLN C 122 27.33 -0.09 6.04
N PHE C 123 26.32 0.78 6.02
CA PHE C 123 24.95 0.32 6.13
C PHE C 123 24.63 -0.67 5.03
N VAL C 124 25.05 -0.39 3.79
CA VAL C 124 24.79 -1.31 2.69
C VAL C 124 25.50 -2.64 2.92
N SER C 125 26.75 -2.61 3.37
CA SER C 125 27.48 -3.85 3.58
C SER C 125 26.84 -4.68 4.69
N LEU C 126 26.40 -4.04 5.77
CA LEU C 126 25.73 -4.76 6.84
C LEU C 126 24.38 -5.29 6.40
N GLY C 127 23.65 -4.53 5.58
CA GLY C 127 22.39 -5.03 5.06
C GLY C 127 22.57 -6.29 4.25
N ASN C 128 23.65 -6.37 3.47
CA ASN C 128 23.92 -7.59 2.71
C ASN C 128 24.29 -8.74 3.63
N GLN C 129 25.06 -8.48 4.69
CA GLN C 129 25.31 -9.51 5.70
C GLN C 129 24.01 -9.98 6.32
N ALA C 130 23.11 -9.06 6.65
CA ALA C 130 21.84 -9.44 7.28
C ALA C 130 20.98 -10.22 6.31
N ASP C 131 21.01 -9.84 5.03
CA ASP C 131 20.30 -10.58 4.00
C ASP C 131 20.76 -12.03 3.92
N THR C 132 22.08 -12.25 3.97
CA THR C 132 22.59 -13.62 3.96
C THR C 132 22.08 -14.39 5.16
N LEU C 133 22.13 -13.77 6.34
CA LEU C 133 21.65 -14.42 7.55
C LEU C 133 20.16 -14.67 7.48
N PHE C 134 19.40 -13.73 6.92
CA PHE C 134 17.95 -13.91 6.85
C PHE C 134 17.60 -15.08 5.94
N THR C 135 18.34 -15.25 4.84
CA THR C 135 18.15 -16.40 3.96
C THR C 135 18.45 -17.70 4.69
N GLN C 136 19.56 -17.73 5.43
CA GLN C 136 19.87 -18.92 6.22
C GLN C 136 18.76 -19.21 7.22
N LEU C 137 18.22 -18.17 7.85
CA LEU C 137 17.14 -18.35 8.81
C LEU C 137 15.89 -18.91 8.14
N GLN C 138 15.52 -18.36 6.99
CA GLN C 138 14.34 -18.86 6.28
C GLN C 138 14.51 -20.33 5.93
N ARG C 139 15.70 -20.72 5.46
CA ARG C 139 15.93 -22.13 5.12
C ARG C 139 15.74 -23.01 6.35
N THR C 140 16.29 -22.58 7.48
CA THR C 140 16.19 -23.35 8.71
C THR C 140 14.74 -23.44 9.19
N LEU C 141 13.98 -22.35 9.07
CA LEU C 141 12.57 -22.42 9.45
C LEU C 141 11.81 -23.36 8.53
N THR C 142 12.13 -23.35 7.24
CA THR C 142 11.51 -24.32 6.33
C THR C 142 11.75 -25.75 6.80
N ASN C 143 12.98 -26.06 7.20
CA ASN C 143 13.27 -27.39 7.73
C ASN C 143 12.50 -27.65 9.03
N LEU C 144 12.36 -26.64 9.89
CA LEU C 144 11.61 -26.84 11.13
C LEU C 144 10.16 -27.18 10.85
N ASN C 145 9.54 -26.51 9.87
CA ASN C 145 8.17 -26.87 9.50
C ASN C 145 8.09 -28.26 8.89
N LYS C 146 9.24 -28.84 8.53
CA LYS C 146 9.43 -30.21 8.04
C LYS C 146 9.90 -30.16 6.60
N LYS C 147 11.19 -30.43 6.37
CA LYS C 147 11.86 -30.30 5.08
C LYS C 147 10.93 -30.26 3.86
C4 78P D . -19.24 -5.03 -2.36
C5 78P D . -17.92 -5.08 -2.89
C6 78P D . -17.30 -6.34 -2.93
C8 78P D . -21.25 -4.40 -1.66
C10 78P D . -17.21 -3.88 -3.40
C13 78P D . -22.45 -3.53 -1.27
C15 78P D . -21.68 -1.50 -0.52
C17 78P D . -22.35 -3.42 0.37
C1 78P D . -17.99 -7.51 -2.48
C2 78P D . -19.27 -7.43 -1.96
C3 78P D . -19.90 -6.16 -1.90
N7 78P D . -21.14 -5.77 -1.45
N9 78P D . -20.09 -3.95 -2.18
N11 78P D . -17.85 -2.56 -3.41
O12 78P D . -16.09 -4.00 -3.82
N14 78P D . -22.35 -2.30 -1.70
C16 78P D . -21.34 -2.58 0.54
C18 78P D . -23.84 -4.18 -1.70
H6 78P D . -16.44 -6.41 -3.27
H3 78P D . -21.75 -6.28 -1.11
H151 78P D . -22.30 -0.84 -0.15
H152 78P D . -20.86 -1.06 -0.83
H171 78P D . -22.14 -4.28 0.76
H172 78P D . -23.17 -3.05 0.74
H1 78P D . -17.56 -8.35 -2.53
H2 78P D . -19.70 -8.20 -1.64
H111 78P D . -17.43 -1.87 -3.71
H112 78P D . -18.65 -2.45 -3.12
H141 78P D . -23.15 -1.98 -1.87
H161 78P D . -20.50 -3.01 0.35
H162 78P D . -21.34 -2.22 1.43
H181 78P D . -23.91 -4.17 -2.66
H182 78P D . -24.56 -3.66 -1.30
H183 78P D . -23.87 -5.08 -1.37
H032 78P D . -21.83 -2.27 -2.42
S SO4 E . -29.13 -3.65 -8.32
O1 SO4 E . -28.39 -2.45 -7.91
O2 SO4 E . -29.51 -3.59 -9.73
O3 SO4 E . -28.29 -4.82 -8.13
O4 SO4 E . -30.31 -3.74 -7.46
C4 78P F . 2.06 11.56 -8.62
C5 78P F . 0.69 11.62 -8.24
C6 78P F . 0.21 12.84 -7.76
C8 78P F . 4.08 10.98 -9.32
C10 78P F . -0.21 10.45 -8.34
C13 78P F . 5.26 10.12 -9.85
C15 78P F . 4.81 7.96 -9.20
C17 78P F . 6.18 9.63 -8.59
C1 78P F . 1.04 13.98 -7.65
C2 78P F . 2.37 13.91 -8.03
C3 78P F . 2.89 12.68 -8.52
N7 78P F . 4.14 12.31 -8.93
N9 78P F . 2.83 10.50 -9.12
N11 78P F . 0.28 9.23 -8.94
O12 78P F . -1.34 10.51 -7.93
N14 78P F . 4.83 9.01 -10.37
C16 78P F . 5.41 8.72 -8.01
C18 78P F . 6.14 10.95 -10.89
H6 78P F . -0.69 12.90 -7.51
H3 78P F . 4.84 12.81 -8.96
H151 78P F . 5.36 7.19 -9.42
H152 78P F . 3.91 7.69 -9.00
H171 78P F . 6.35 10.37 -7.98
H172 78P F . 7.01 9.24 -8.89
H1 78P F . 0.70 14.78 -7.33
H2 78P F . 2.91 14.66 -7.96
H111 78P F . -0.25 8.55 -9.00
H112 78P F . 1.08 9.19 -9.24
H141 78P F . 5.38 8.75 -11.01
H161 78P F . 4.72 9.14 -7.49
H162 78P F . 5.96 8.14 -7.46
H181 78P F . 5.61 11.16 -11.67
H182 78P F . 6.91 10.42 -11.15
H183 78P F . 6.44 11.77 -10.48
H032 78P F . 4.01 9.13 -10.69
S SO4 G . 5.96 11.62 -20.15
O1 SO4 G . 5.54 12.92 -19.61
O2 SO4 G . 7.42 11.63 -20.28
O3 SO4 G . 5.33 11.39 -21.45
O4 SO4 G . 5.59 10.54 -19.22
C4 78P H . 18.55 -5.99 5.44
C5 78P H . 18.36 -6.12 6.84
C6 78P H . 17.90 -7.33 7.38
C8 78P H . 19.00 -5.33 3.38
C10 78P H . 18.66 -4.97 7.75
C13 78P H . 19.41 -4.42 2.20
C15 78P H . 20.01 -2.21 2.06
C17 78P H . 18.13 -3.44 1.87
C1 78P H . 17.63 -8.42 6.51
C2 78P H . 17.81 -8.29 5.14
C3 78P H . 18.29 -7.06 4.60
N7 78P H . 18.56 -6.64 3.32
N9 78P H . 19.00 -4.94 4.66
N11 78P H . 19.35 -3.79 7.23
O12 78P H . 18.37 -5.05 8.90
N14 78P H . 20.40 -3.67 2.54
C16 78P H . 18.48 -2.22 2.20
C18 78P H . 19.82 -5.28 0.91
H6 78P H . 17.78 -7.41 8.30
H3 78P H . 18.47 -7.11 2.60
H151 78P H . 20.27 -2.07 1.14
H152 78P H . 20.40 -1.55 2.65
H171 78P H . 17.36 -3.70 2.40
H172 78P H . 17.92 -3.48 0.92
H1 78P H . 17.32 -9.23 6.86
H2 78P H . 17.63 -9.01 4.58
H111 78P H . 19.52 -3.14 7.77
H112 78P H . 19.57 -3.74 6.42
H141 78P H . 21.14 -3.93 2.12
H161 78P H . 18.22 -2.03 3.11
H162 78P H . 18.09 -1.58 1.59
H181 78P H . 20.46 -5.95 1.17
H182 78P H . 20.21 -4.69 0.25
H183 78P H . 19.03 -5.71 0.55
H032 78P H . 20.51 -3.68 3.42
S SO4 I . 5.25 -11.95 22.89
O1 SO4 I . 6.08 -10.77 23.16
O2 SO4 I . 4.07 -11.54 22.13
O3 SO4 I . 5.97 -12.93 22.06
O4 SO4 I . 4.76 -12.56 24.11
#